data_4HL5
#
_entry.id   4HL5
#
_cell.length_a   67.100
_cell.length_b   67.100
_cell.length_c   117.200
_cell.angle_alpha   90.00
_cell.angle_beta   90.00
_cell.angle_gamma   90.00
#
_symmetry.space_group_name_H-M   'P 41 21 2'
#
loop_
_entity.id
_entity.type
_entity.pdbx_description
1 polymer Tankyrase-2
2 polymer Tankyrase-2
3 non-polymer 'SULFATE ION'
4 non-polymer 'ZINC ION'
5 non-polymer DI(HYDROXYETHYL)ETHER
6 non-polymer 7-hydroxy-2-(4-methoxyphenyl)-4H-chromen-4-one
7 water water
#
loop_
_entity_poly.entity_id
_entity_poly.type
_entity_poly.pdbx_seq_one_letter_code
_entity_poly.pdbx_strand_id
1 'polypeptide(L)'
;MHHHHHHSSGVDLGTENLYFQSMLNTSGSGTILIDLSPDDKEFQSVEEEMQSTVREHRDGGHAGGIFNRYNILKIQKVCN
KKLWERYTHRRKEVSEENHNHANERMLFHGSPFVNAIIHKGFDERHAYIGGMFGAGIYFAENSSKSNQYVYGIGGGTGCP
VHKDRSCYICHRQLLFCRVTLGKSFLQFSAM
;
A
2 'polypeptide(L)' KMAHSPPGHHSVTGRPSVNGLALAEYVIYRGEQAYPEYLITYQIMRPEG C
#
loop_
_chem_comp.id
_chem_comp.type
_chem_comp.name
_chem_comp.formula
15W non-polymer 7-hydroxy-2-(4-methoxyphenyl)-4H-chromen-4-one 'C16 H12 O4'
PEG non-polymer DI(HYDROXYETHYL)ETHER 'C4 H10 O3'
SO4 non-polymer 'SULFATE ION' 'O4 S -2'
ZN non-polymer 'ZINC ION' 'Zn 2'
#
# COMPACT_ATOMS: atom_id res chain seq x y z
N GLY A 30 -7.98 -13.84 15.00
CA GLY A 30 -9.24 -13.10 14.63
C GLY A 30 -9.42 -12.91 13.13
N THR A 31 -8.34 -12.95 12.35
CA THR A 31 -8.42 -12.73 10.90
C THR A 31 -8.83 -13.97 10.11
N ILE A 32 -9.80 -13.81 9.21
CA ILE A 32 -10.09 -14.84 8.22
C ILE A 32 -9.96 -14.24 6.80
N LEU A 33 -9.57 -15.09 5.84
CA LEU A 33 -9.30 -14.62 4.47
C LEU A 33 -10.25 -15.34 3.56
N ILE A 34 -11.01 -14.59 2.77
CA ILE A 34 -11.99 -15.15 1.86
C ILE A 34 -11.50 -14.92 0.44
N ASP A 35 -11.22 -15.99 -0.29
CA ASP A 35 -10.84 -15.92 -1.70
C ASP A 35 -11.97 -15.38 -2.52
N LEU A 36 -11.63 -14.48 -3.43
CA LEU A 36 -12.57 -13.99 -4.40
C LEU A 36 -12.39 -14.77 -5.69
N SER A 37 -13.48 -15.00 -6.41
CA SER A 37 -13.43 -15.70 -7.69
C SER A 37 -13.01 -14.69 -8.77
N PRO A 38 -12.18 -15.14 -9.73
CA PRO A 38 -11.86 -14.30 -10.89
C PRO A 38 -13.09 -13.81 -11.70
N ASP A 39 -14.24 -14.47 -11.54
CA ASP A 39 -15.49 -14.08 -12.18
C ASP A 39 -16.25 -13.01 -11.41
N ASP A 40 -15.94 -12.89 -10.13
CA ASP A 40 -16.54 -11.90 -9.27
C ASP A 40 -16.08 -10.50 -9.68
N LYS A 41 -17.03 -9.55 -9.78
CA LYS A 41 -16.72 -8.14 -10.13
C LYS A 41 -15.75 -7.43 -9.15
N GLU A 42 -15.86 -7.76 -7.87
CA GLU A 42 -14.98 -7.22 -6.86
C GLU A 42 -13.49 -7.55 -7.16
N PHE A 43 -13.24 -8.77 -7.65
CA PHE A 43 -11.90 -9.27 -7.97
C PHE A 43 -11.40 -8.47 -9.15
N GLN A 44 -12.31 -8.33 -10.11
CA GLN A 44 -11.99 -7.64 -11.34
C GLN A 44 -11.68 -6.19 -11.09
N SER A 45 -12.47 -5.50 -10.28
CA SER A 45 -12.15 -4.10 -10.02
C SER A 45 -10.79 -3.97 -9.31
N VAL A 46 -10.48 -4.86 -8.36
CA VAL A 46 -9.21 -4.76 -7.63
C VAL A 46 -8.05 -5.06 -8.55
N GLU A 47 -8.18 -6.07 -9.42
CA GLU A 47 -7.13 -6.39 -10.38
C GLU A 47 -6.92 -5.22 -11.31
N GLU A 48 -8.02 -4.64 -11.79
CA GLU A 48 -7.91 -3.46 -12.67
C GLU A 48 -7.13 -2.31 -11.98
N GLU A 49 -7.38 -2.10 -10.69
CA GLU A 49 -6.67 -1.03 -9.95
C GLU A 49 -5.15 -1.32 -9.87
N MET A 50 -4.80 -2.61 -9.74
CA MET A 50 -3.42 -3.11 -9.71
C MET A 50 -2.75 -2.97 -11.08
N GLN A 51 -3.37 -3.54 -12.09
CA GLN A 51 -2.81 -3.51 -13.42
C GLN A 51 -2.69 -2.09 -13.95
N SER A 52 -3.75 -1.28 -13.84
CA SER A 52 -3.74 0.04 -14.50
C SER A 52 -2.82 1.08 -13.86
N THR A 53 -2.35 0.85 -12.63
CA THR A 53 -1.53 1.85 -11.92
C THR A 53 -0.03 1.51 -11.87
N VAL A 54 0.39 0.61 -12.77
CA VAL A 54 1.78 0.33 -13.01
C VAL A 54 2.41 1.44 -13.85
N ARG A 55 3.56 1.94 -13.43
CA ARG A 55 4.30 2.91 -14.22
C ARG A 55 5.75 2.44 -14.28
N GLU A 56 6.54 3.08 -15.13
CA GLU A 56 7.99 2.92 -15.09
C GLU A 56 8.58 3.70 -13.93
N HIS A 57 9.69 3.18 -13.40
CA HIS A 57 10.40 3.80 -12.29
C HIS A 57 11.77 4.26 -12.64
N ARG A 58 12.22 5.30 -11.97
CA ARG A 58 13.41 6.03 -12.35
C ARG A 58 14.69 5.21 -12.07
N ASP A 59 14.57 4.19 -11.23
CA ASP A 59 15.65 3.23 -11.02
C ASP A 59 15.74 2.16 -12.09
N GLY A 60 14.94 2.29 -13.15
CA GLY A 60 14.97 1.32 -14.25
C GLY A 60 14.67 -0.11 -13.86
N GLY A 61 13.95 -0.30 -12.74
CA GLY A 61 13.58 -1.61 -12.21
C GLY A 61 14.46 -2.22 -11.14
N HIS A 62 15.42 -1.45 -10.61
CA HIS A 62 16.42 -1.99 -9.67
C HIS A 62 15.74 -2.53 -8.45
N ALA A 63 14.94 -1.68 -7.82
CA ALA A 63 14.23 -2.01 -6.58
C ALA A 63 13.12 -3.05 -6.73
N GLY A 64 12.22 -2.89 -7.70
CA GLY A 64 11.02 -3.75 -7.82
C GLY A 64 10.97 -4.71 -9.00
N GLY A 65 11.96 -4.67 -9.88
CA GLY A 65 11.97 -5.55 -11.03
C GLY A 65 11.50 -4.83 -12.28
N ILE A 66 11.62 -5.52 -13.40
CA ILE A 66 11.28 -4.97 -14.70
C ILE A 66 10.03 -5.68 -15.24
N PHE A 67 8.96 -4.91 -15.41
CA PHE A 67 7.69 -5.45 -15.83
C PHE A 67 6.78 -4.31 -16.24
N ASN A 68 5.81 -4.61 -17.09
CA ASN A 68 4.71 -3.67 -17.41
C ASN A 68 3.38 -4.10 -16.80
N ARG A 69 3.32 -5.34 -16.35
CA ARG A 69 2.08 -5.86 -15.78
C ARG A 69 2.32 -7.05 -14.85
N TYR A 70 1.23 -7.46 -14.18
CA TYR A 70 1.29 -8.61 -13.26
C TYR A 70 0.45 -9.79 -13.71
N ASN A 71 0.88 -10.98 -13.29
CA ASN A 71 0.07 -12.17 -13.21
C ASN A 71 -0.54 -12.27 -11.82
N ILE A 72 -1.83 -12.01 -11.74
CA ILE A 72 -2.53 -12.06 -10.49
C ILE A 72 -2.91 -13.49 -10.20
N LEU A 73 -2.53 -14.00 -9.04
CA LEU A 73 -2.70 -15.43 -8.74
C LEU A 73 -3.93 -15.61 -7.85
N LYS A 74 -4.08 -14.72 -6.88
CA LYS A 74 -5.14 -14.79 -5.91
C LYS A 74 -5.42 -13.38 -5.38
N ILE A 75 -6.68 -13.09 -5.12
CA ILE A 75 -7.09 -11.91 -4.38
C ILE A 75 -8.00 -12.43 -3.23
N GLN A 76 -7.62 -12.11 -2.00
CA GLN A 76 -8.39 -12.50 -0.84
C GLN A 76 -8.86 -11.26 -0.10
N LYS A 77 -10.10 -11.33 0.40
CA LYS A 77 -10.68 -10.30 1.26
C LYS A 77 -10.28 -10.58 2.70
N VAL A 78 -9.76 -9.56 3.39
CA VAL A 78 -9.30 -9.71 4.77
C VAL A 78 -10.38 -9.30 5.78
N CYS A 79 -10.76 -10.22 6.67
CA CYS A 79 -11.89 -9.96 7.59
C CYS A 79 -11.49 -10.18 9.05
N ASN A 80 -11.51 -9.08 9.79
CA ASN A 80 -11.13 -9.05 11.21
C ASN A 80 -11.98 -7.95 11.81
N LYS A 81 -12.83 -8.34 12.75
CA LYS A 81 -13.88 -7.50 13.27
C LYS A 81 -13.25 -6.45 14.20
N LYS A 82 -12.36 -6.91 15.07
CA LYS A 82 -11.64 -6.05 15.99
C LYS A 82 -10.90 -4.96 15.22
N LEU A 83 -10.16 -5.36 14.19
CA LEU A 83 -9.35 -4.40 13.44
C LEU A 83 -10.25 -3.45 12.63
N TRP A 84 -11.39 -3.94 12.15
CA TRP A 84 -12.27 -3.11 11.35
C TRP A 84 -12.88 -2.04 12.21
N GLU A 85 -13.26 -2.40 13.42
CA GLU A 85 -13.91 -1.47 14.33
C GLU A 85 -12.95 -0.44 14.85
N ARG A 86 -11.71 -0.82 15.08
CA ARG A 86 -10.67 0.18 15.34
C ARG A 86 -10.61 1.20 14.21
N TYR A 87 -10.62 0.71 12.97
CA TYR A 87 -10.49 1.59 11.82
C TYR A 87 -11.64 2.58 11.77
N THR A 88 -12.87 2.10 11.91
CA THR A 88 -14.06 2.97 11.77
C THR A 88 -14.22 3.90 12.98
N HIS A 89 -13.84 3.41 14.15
CA HIS A 89 -13.79 4.31 15.29
C HIS A 89 -12.89 5.48 14.98
N ARG A 90 -11.66 5.22 14.56
CA ARG A 90 -10.78 6.32 14.22
C ARG A 90 -11.23 7.11 12.97
N ARG A 91 -11.84 6.44 12.01
CA ARG A 91 -12.32 7.13 10.81
C ARG A 91 -13.37 8.24 11.13
N LYS A 92 -14.25 7.93 12.08
CA LYS A 92 -15.33 8.82 12.56
C LYS A 92 -14.71 10.00 13.29
N GLU A 93 -13.73 9.68 14.13
CA GLU A 93 -12.94 10.69 14.82
C GLU A 93 -12.41 11.72 13.83
N VAL A 94 -11.76 11.24 12.78
CA VAL A 94 -11.09 12.13 11.84
C VAL A 94 -12.13 12.87 11.00
N SER A 95 -13.20 12.17 10.67
CA SER A 95 -14.28 12.79 9.92
C SER A 95 -14.70 14.08 10.63
N GLU A 96 -14.92 13.96 11.93
CA GLU A 96 -15.45 15.06 12.72
C GLU A 96 -14.52 16.23 12.85
N GLU A 97 -13.22 15.99 12.73
CA GLU A 97 -12.23 17.05 12.76
C GLU A 97 -11.98 17.64 11.38
N ASN A 98 -12.72 17.20 10.36
CA ASN A 98 -12.47 17.66 8.98
C ASN A 98 -13.77 17.77 8.19
N HIS A 99 -14.54 18.82 8.46
CA HIS A 99 -15.84 19.05 7.80
C HIS A 99 -16.56 17.78 7.36
N ASN A 100 -16.68 16.83 8.30
CA ASN A 100 -17.34 15.53 8.09
C ASN A 100 -16.85 14.77 6.88
N HIS A 101 -15.53 14.71 6.75
CA HIS A 101 -14.94 14.15 5.58
C HIS A 101 -13.70 13.34 5.92
N ALA A 102 -13.85 12.01 5.93
CA ALA A 102 -12.75 11.10 6.23
C ALA A 102 -11.64 11.19 5.21
N ASN A 103 -11.97 11.58 3.98
CA ASN A 103 -11.00 11.60 2.91
C ASN A 103 -10.38 10.18 2.80
N GLU A 104 -11.27 9.20 2.78
CA GLU A 104 -10.94 7.77 2.67
C GLU A 104 -10.58 7.34 1.26
N ARG A 105 -9.46 6.64 1.13
CA ARG A 105 -8.97 6.21 -0.16
C ARG A 105 -8.68 4.71 -0.11
N MET A 106 -8.54 4.12 -1.29
CA MET A 106 -8.03 2.74 -1.41
C MET A 106 -6.61 2.83 -2.00
N LEU A 107 -5.61 2.35 -1.27
CA LEU A 107 -4.22 2.59 -1.65
C LEU A 107 -3.39 1.31 -1.48
N PHE A 108 -2.23 1.28 -2.09
CA PHE A 108 -1.42 0.09 -2.05
C PHE A 108 -0.36 0.15 -0.93
N HIS A 109 0.06 -1.01 -0.44
CA HIS A 109 1.14 -1.09 0.52
C HIS A 109 1.85 -2.41 0.32
N GLY A 110 3.17 -2.35 0.08
CA GLY A 110 4.01 -3.53 -0.01
C GLY A 110 4.93 -3.58 1.19
N SER A 111 4.97 -4.72 1.87
CA SER A 111 5.84 -4.88 3.03
C SER A 111 6.25 -6.33 3.21
N PRO A 112 7.50 -6.59 3.67
CA PRO A 112 7.82 -7.96 4.12
C PRO A 112 6.95 -8.37 5.32
N PHE A 113 6.21 -7.44 5.89
CA PHE A 113 5.47 -7.70 7.11
C PHE A 113 3.97 -7.92 6.88
N VAL A 114 3.60 -8.28 5.65
CA VAL A 114 2.20 -8.37 5.24
C VAL A 114 1.43 -9.39 6.10
N ASN A 115 2.06 -10.52 6.41
CA ASN A 115 1.46 -11.53 7.29
C ASN A 115 1.11 -10.97 8.66
N ALA A 116 2.03 -10.27 9.28
CA ALA A 116 1.75 -9.60 10.55
C ALA A 116 0.64 -8.55 10.43
N ILE A 117 0.66 -7.74 9.36
CA ILE A 117 -0.35 -6.68 9.19
C ILE A 117 -1.79 -7.27 9.12
N ILE A 118 -1.98 -8.42 8.45
CA ILE A 118 -3.35 -8.91 8.21
C ILE A 118 -3.94 -9.54 9.48
N HIS A 119 -3.06 -10.03 10.36
CA HIS A 119 -3.44 -10.63 11.63
C HIS A 119 -3.50 -9.66 12.77
N LYS A 120 -2.57 -8.73 12.88
CA LYS A 120 -2.55 -7.84 14.06
C LYS A 120 -2.83 -6.37 13.74
N GLY A 121 -2.95 -6.00 12.47
CA GLY A 121 -3.10 -4.58 12.10
C GLY A 121 -1.80 -3.84 11.81
N PHE A 122 -1.95 -2.62 11.27
CA PHE A 122 -0.83 -1.70 11.12
C PHE A 122 -0.46 -1.16 12.50
N ASP A 123 0.83 -0.89 12.70
CA ASP A 123 1.37 -0.21 13.88
C ASP A 123 2.79 0.31 13.61
N GLU A 124 3.42 0.84 14.66
CA GLU A 124 4.77 1.48 14.60
C GLU A 124 5.90 0.65 13.97
N ARG A 125 5.83 -0.67 14.04
CA ARG A 125 6.87 -1.53 13.48
C ARG A 125 6.77 -1.63 11.95
N HIS A 126 5.64 -1.21 11.39
CA HIS A 126 5.39 -1.18 9.92
C HIS A 126 5.70 0.18 9.34
N ALA A 127 6.16 1.10 10.21
CA ALA A 127 6.58 2.47 9.87
C ALA A 127 7.90 2.51 9.12
N TYR A 128 8.03 3.48 8.23
CA TYR A 128 9.23 3.70 7.40
C TYR A 128 10.03 4.83 8.04
N ILE A 129 10.90 4.45 8.97
CA ILE A 129 11.54 5.44 9.83
C ILE A 129 12.33 6.40 8.93
N GLY A 130 13.02 5.88 7.94
CA GLY A 130 13.82 6.72 7.04
C GLY A 130 13.06 7.42 5.91
N GLY A 131 11.74 7.42 5.95
CA GLY A 131 10.98 7.89 4.82
C GLY A 131 11.07 9.38 4.62
N MET A 132 10.89 9.85 3.39
CA MET A 132 11.13 11.24 3.13
C MET A 132 10.03 12.22 3.61
N PHE A 133 8.83 11.70 3.92
CA PHE A 133 7.77 12.50 4.55
C PHE A 133 7.57 12.14 6.01
N GLY A 134 8.63 11.69 6.67
CA GLY A 134 8.58 11.43 8.09
C GLY A 134 8.42 9.97 8.42
N ALA A 135 8.63 9.67 9.69
CA ALA A 135 8.55 8.30 10.17
C ALA A 135 7.06 7.94 10.35
N GLY A 136 6.49 7.32 9.31
CA GLY A 136 5.09 6.89 9.32
C GLY A 136 4.88 5.71 8.40
N ILE A 137 3.61 5.34 8.21
CA ILE A 137 3.21 4.19 7.38
C ILE A 137 2.86 4.73 5.98
N TYR A 138 3.55 4.23 4.96
CA TYR A 138 3.52 4.78 3.60
C TYR A 138 2.61 3.96 2.68
N PHE A 139 1.89 4.64 1.80
CA PHE A 139 0.99 4.03 0.83
C PHE A 139 1.18 4.68 -0.54
N ALA A 140 0.73 3.99 -1.60
CA ALA A 140 0.92 4.54 -2.95
C ALA A 140 -0.28 4.25 -3.85
N GLU A 141 -0.53 5.17 -4.77
CA GLU A 141 -1.57 5.00 -5.78
C GLU A 141 -1.08 4.09 -6.89
N ASN A 142 0.24 4.12 -7.15
CA ASN A 142 0.87 3.27 -8.14
C ASN A 142 1.19 1.94 -7.47
N SER A 143 0.63 0.86 -8.02
CA SER A 143 0.89 -0.47 -7.47
C SER A 143 2.37 -0.78 -7.56
N SER A 144 2.98 -0.38 -8.67
CA SER A 144 4.41 -0.57 -8.90
C SER A 144 5.36 0.15 -7.96
N LYS A 145 4.92 1.27 -7.39
CA LYS A 145 5.65 1.91 -6.31
C LYS A 145 5.71 1.00 -5.05
N SER A 146 4.55 0.48 -4.62
CA SER A 146 4.51 -0.41 -3.45
C SER A 146 5.24 -1.74 -3.70
N ASN A 147 5.22 -2.24 -4.95
CA ASN A 147 5.94 -3.44 -5.31
C ASN A 147 7.46 -3.30 -5.00
N GLN A 148 7.95 -2.05 -5.01
CA GLN A 148 9.38 -1.79 -4.70
C GLN A 148 9.74 -2.07 -3.25
N TYR A 149 8.73 -2.30 -2.40
CA TYR A 149 8.93 -2.50 -0.94
C TYR A 149 8.58 -3.86 -0.42
N VAL A 150 8.08 -4.72 -1.30
CA VAL A 150 7.58 -6.01 -0.95
C VAL A 150 8.68 -6.91 -0.35
N TYR A 151 9.88 -6.84 -0.91
CA TYR A 151 11.02 -7.55 -0.35
C TYR A 151 11.88 -6.66 0.56
N GLY A 152 11.38 -5.52 0.98
CA GLY A 152 12.09 -4.62 1.89
C GLY A 152 12.34 -3.27 1.23
N ILE A 153 12.99 -2.38 1.96
CA ILE A 153 13.32 -1.04 1.45
C ILE A 153 14.29 -1.16 0.27
N GLY A 154 14.09 -0.33 -0.76
CA GLY A 154 14.82 -0.49 -2.01
C GLY A 154 14.77 -1.91 -2.59
N GLY A 155 13.77 -2.69 -2.20
CA GLY A 155 13.71 -4.12 -2.63
C GLY A 155 14.63 -5.06 -1.85
N GLY A 156 15.30 -4.56 -0.81
CA GLY A 156 16.25 -5.39 -0.03
C GLY A 156 17.13 -6.22 -0.95
N THR A 157 17.19 -7.53 -0.73
CA THR A 157 18.03 -8.41 -1.54
C THR A 157 17.19 -9.30 -2.45
N GLY A 158 16.01 -8.83 -2.80
CA GLY A 158 15.17 -9.58 -3.72
C GLY A 158 14.43 -10.72 -3.04
N CYS A 159 13.89 -11.61 -3.86
CA CYS A 159 13.12 -12.71 -3.37
C CYS A 159 14.04 -13.55 -2.47
N PRO A 160 13.46 -14.25 -1.48
CA PRO A 160 14.25 -15.07 -0.58
C PRO A 160 14.82 -16.35 -1.20
N VAL A 161 14.18 -16.90 -2.24
CA VAL A 161 14.66 -18.14 -2.87
C VAL A 161 15.80 -17.93 -3.88
N HIS A 162 15.78 -16.79 -4.57
CA HIS A 162 16.78 -16.50 -5.60
C HIS A 162 17.59 -15.23 -5.38
N LYS A 163 17.30 -14.43 -4.35
CA LYS A 163 17.98 -13.15 -4.17
C LYS A 163 17.87 -12.26 -5.41
N ASP A 164 16.67 -12.24 -6.00
CA ASP A 164 16.45 -11.59 -7.28
C ASP A 164 15.33 -10.54 -7.13
N ARG A 165 15.71 -9.28 -7.21
CA ARG A 165 14.69 -8.23 -7.07
C ARG A 165 13.73 -8.17 -8.26
N SER A 166 14.10 -8.82 -9.36
CA SER A 166 13.26 -8.88 -10.55
C SER A 166 12.81 -10.28 -10.82
N CYS A 167 12.79 -11.11 -9.77
CA CYS A 167 12.28 -12.47 -9.89
C CYS A 167 10.89 -12.54 -10.53
N TYR A 168 10.75 -13.43 -11.52
CA TYR A 168 9.50 -13.64 -12.26
C TYR A 168 8.77 -14.91 -11.78
N ILE A 169 9.40 -15.67 -10.89
CA ILE A 169 8.94 -16.99 -10.48
C ILE A 169 8.26 -16.91 -9.13
N CYS A 170 8.94 -16.28 -8.18
CA CYS A 170 8.44 -16.25 -6.82
C CYS A 170 7.18 -15.40 -6.70
N HIS A 171 6.32 -15.80 -5.75
CA HIS A 171 5.04 -15.20 -5.47
C HIS A 171 5.17 -14.02 -4.51
N ARG A 172 4.68 -12.85 -4.94
CA ARG A 172 4.70 -11.62 -4.15
C ARG A 172 3.31 -11.34 -3.61
N GLN A 173 3.23 -10.56 -2.53
CA GLN A 173 1.97 -10.07 -2.03
C GLN A 173 2.03 -8.60 -1.70
N LEU A 174 0.95 -7.89 -2.10
CA LEU A 174 0.70 -6.47 -1.83
C LEU A 174 -0.62 -6.40 -1.09
N LEU A 175 -0.80 -5.34 -0.28
CA LEU A 175 -2.10 -5.01 0.33
C LEU A 175 -2.76 -3.87 -0.46
N PHE A 176 -4.05 -3.99 -0.74
CA PHE A 176 -4.84 -2.88 -1.24
C PHE A 176 -5.72 -2.46 -0.07
N CYS A 177 -5.41 -1.30 0.50
CA CYS A 177 -5.90 -0.89 1.81
C CYS A 177 -6.85 0.31 1.79
N ARG A 178 -7.80 0.28 2.72
CA ARG A 178 -8.73 1.37 2.98
C ARG A 178 -8.05 2.31 3.97
N VAL A 179 -7.78 3.55 3.54
CA VAL A 179 -6.94 4.52 4.29
C VAL A 179 -7.65 5.88 4.55
N THR A 180 -7.63 6.33 5.80
CA THR A 180 -8.25 7.61 6.22
C THR A 180 -7.19 8.70 6.27
N LEU A 181 -7.29 9.65 5.34
CA LEU A 181 -6.32 10.71 5.17
C LEU A 181 -6.68 12.00 5.96
N GLY A 182 -7.96 12.19 6.22
CA GLY A 182 -8.44 13.38 6.89
C GLY A 182 -7.98 14.58 6.13
N LYS A 183 -7.56 15.60 6.88
CA LYS A 183 -6.95 16.77 6.32
C LYS A 183 -5.50 16.42 6.11
N SER A 184 -5.07 16.48 4.85
CA SER A 184 -3.81 15.91 4.44
C SER A 184 -2.89 17.02 4.03
N PHE A 185 -1.77 17.11 4.73
CA PHE A 185 -0.78 18.10 4.43
C PHE A 185 -0.18 17.83 3.08
N LEU A 186 -0.36 18.77 2.17
CA LEU A 186 0.19 18.62 0.83
C LEU A 186 1.65 19.03 0.79
N GLN A 187 2.50 18.05 0.51
CA GLN A 187 3.94 18.26 0.31
C GLN A 187 4.29 17.90 -1.12
N PHE A 188 4.67 18.91 -1.89
CA PHE A 188 5.22 18.68 -3.22
C PHE A 188 6.62 18.13 -3.05
N SER A 189 6.97 17.20 -3.94
CA SER A 189 8.21 16.47 -3.87
C SER A 189 8.97 16.58 -5.17
N ALA A 190 10.29 16.43 -5.08
CA ALA A 190 11.22 16.52 -6.20
C ALA A 190 11.46 15.18 -6.94
N MET B 2 7.97 6.44 15.42
CA MET B 2 6.87 6.95 14.60
C MET B 2 6.61 8.41 14.97
N ALA B 3 6.60 9.28 13.95
CA ALA B 3 6.42 10.73 14.15
C ALA B 3 4.94 11.04 14.28
N HIS B 4 4.62 12.33 14.46
CA HIS B 4 3.24 12.80 14.54
C HIS B 4 2.84 13.41 13.22
N SER B 5 1.53 13.46 12.97
CA SER B 5 1.01 14.21 11.83
C SER B 5 1.38 15.68 12.01
N PRO B 6 1.61 16.41 10.91
CA PRO B 6 1.74 17.86 11.06
C PRO B 6 0.58 18.44 11.88
N PRO B 7 0.86 19.40 12.77
CA PRO B 7 -0.23 19.89 13.64
C PRO B 7 -1.43 20.31 12.81
N GLY B 8 -2.62 19.95 13.27
CA GLY B 8 -3.87 20.23 12.54
C GLY B 8 -4.15 19.31 11.35
N HIS B 9 -3.26 18.37 11.03
CA HIS B 9 -3.44 17.43 9.88
C HIS B 9 -3.48 15.98 10.30
N HIS B 10 -3.95 15.10 9.43
CA HIS B 10 -4.11 13.69 9.79
C HIS B 10 -3.20 12.79 9.03
N SER B 11 -2.44 13.33 8.10
CA SER B 11 -1.74 12.54 7.13
C SER B 11 -0.93 13.49 6.31
N VAL B 12 0.02 12.95 5.56
CA VAL B 12 0.74 13.71 4.55
C VAL B 12 0.48 13.15 3.16
N THR B 13 0.26 14.05 2.21
CA THR B 13 0.27 13.70 0.79
C THR B 13 1.58 14.14 0.15
N GLY B 14 2.37 13.17 -0.29
CA GLY B 14 3.60 13.44 -1.02
C GLY B 14 3.31 13.43 -2.50
N ARG B 15 3.32 14.59 -3.15
CA ARG B 15 2.88 14.69 -4.54
C ARG B 15 4.05 15.03 -5.48
N PRO B 16 4.52 14.02 -6.24
CA PRO B 16 5.64 14.21 -7.16
C PRO B 16 5.37 15.35 -8.13
N SER B 17 6.33 16.26 -8.24
CA SER B 17 6.13 17.50 -8.97
C SER B 17 7.03 17.57 -10.21
N VAL B 18 7.93 16.59 -10.35
CA VAL B 18 8.86 16.51 -11.46
C VAL B 18 8.44 15.41 -12.44
N ASN B 19 8.22 14.19 -11.95
CA ASN B 19 7.64 13.13 -12.79
C ASN B 19 6.14 13.35 -12.95
N GLY B 20 5.74 13.84 -14.12
CA GLY B 20 4.34 14.11 -14.41
C GLY B 20 3.45 12.88 -14.46
N LEU B 21 4.05 11.71 -14.65
CA LEU B 21 3.33 10.44 -14.65
C LEU B 21 3.35 9.68 -13.29
N ALA B 22 4.07 10.18 -12.29
CA ALA B 22 4.07 9.52 -10.97
C ALA B 22 2.82 9.91 -10.21
N LEU B 23 2.07 8.94 -9.70
CA LEU B 23 0.94 9.27 -8.87
C LEU B 23 1.40 9.60 -7.46
N ALA B 24 0.44 9.93 -6.58
CA ALA B 24 0.75 10.45 -5.25
C ALA B 24 1.05 9.30 -4.29
N GLU B 25 1.71 9.64 -3.19
CA GLU B 25 2.06 8.70 -2.14
C GLU B 25 1.69 9.36 -0.82
N TYR B 26 1.29 8.57 0.16
CA TYR B 26 0.67 9.09 1.38
C TYR B 26 1.28 8.44 2.61
N VAL B 27 1.37 9.23 3.68
CA VAL B 27 1.83 8.75 4.99
C VAL B 27 0.78 8.97 6.07
N ILE B 28 0.60 7.98 6.91
CA ILE B 28 -0.20 8.13 8.10
C ILE B 28 0.68 7.83 9.31
N TYR B 29 0.27 8.35 10.46
CA TYR B 29 1.08 8.30 11.67
C TYR B 29 0.37 7.56 12.78
N ARG B 30 -0.78 6.95 12.44
CA ARG B 30 -1.48 5.99 13.32
C ARG B 30 -1.98 4.75 12.55
N GLY B 31 -1.67 3.55 13.05
CA GLY B 31 -2.08 2.31 12.41
C GLY B 31 -3.59 2.13 12.30
N GLU B 32 -4.33 2.82 13.15
CA GLU B 32 -5.79 2.76 13.12
C GLU B 32 -6.39 3.53 11.94
N GLN B 33 -5.55 4.26 11.19
CA GLN B 33 -6.03 4.97 10.01
C GLN B 33 -5.96 4.16 8.71
N ALA B 34 -5.79 2.85 8.81
CA ALA B 34 -5.80 1.99 7.64
C ALA B 34 -6.29 0.62 7.99
N TYR B 35 -6.96 0.01 7.01
CA TYR B 35 -7.43 -1.34 7.13
C TYR B 35 -6.93 -2.11 5.91
N PRO B 36 -6.22 -3.23 6.13
CA PRO B 36 -5.63 -4.06 5.08
C PRO B 36 -6.67 -4.93 4.41
N GLU B 37 -7.49 -4.31 3.58
CA GLU B 37 -8.72 -4.95 3.13
C GLU B 37 -8.55 -6.09 2.15
N TYR B 38 -7.68 -5.96 1.15
CA TYR B 38 -7.41 -7.04 0.18
C TYR B 38 -5.95 -7.45 0.18
N LEU B 39 -5.73 -8.76 0.00
CA LEU B 39 -4.40 -9.35 -0.01
C LEU B 39 -4.33 -9.95 -1.40
N ILE B 40 -3.41 -9.42 -2.20
CA ILE B 40 -3.26 -9.75 -3.61
C ILE B 40 -1.95 -10.52 -3.76
N THR B 41 -2.01 -11.74 -4.28
CA THR B 41 -0.82 -12.58 -4.51
C THR B 41 -0.56 -12.63 -6.00
N TYR B 42 0.68 -12.38 -6.42
CA TYR B 42 0.97 -12.08 -7.82
C TYR B 42 2.44 -12.32 -8.21
N GLN B 43 2.67 -12.38 -9.51
CA GLN B 43 4.05 -12.35 -10.03
C GLN B 43 4.13 -11.12 -10.88
N ILE B 44 5.33 -10.57 -11.03
CA ILE B 44 5.60 -9.58 -12.05
C ILE B 44 5.87 -10.37 -13.31
N MET B 45 5.57 -9.78 -14.46
CA MET B 45 5.72 -10.50 -15.71
C MET B 45 6.82 -9.87 -16.54
N ARG B 46 7.67 -10.72 -17.08
CA ARG B 46 8.73 -10.32 -17.98
C ARG B 46 8.17 -9.85 -19.32
N PRO B 47 8.52 -8.64 -19.73
CA PRO B 47 8.05 -8.12 -21.03
C PRO B 47 8.37 -9.04 -22.21
N GLU B 48 7.49 -9.04 -23.22
CA GLU B 48 7.71 -9.77 -24.47
C GLU B 48 8.27 -8.83 -25.52
S SO4 C . 10.44 6.46 -8.67
O1 SO4 C . 9.84 5.38 -7.90
O2 SO4 C . 11.89 6.52 -8.47
O3 SO4 C . 10.25 6.36 -10.15
O4 SO4 C . 9.78 7.68 -8.21
ZN ZN D . 12.60 -15.89 -6.73
C1 PEG E . -15.65 -4.59 4.48
O1 PEG E . -15.46 -3.23 4.12
C2 PEG E . -14.61 -5.03 5.50
O2 PEG E . -15.14 -6.07 6.34
C3 PEG E . -14.45 -6.21 7.60
C4 PEG E . -14.66 -7.61 8.16
O4 PEG E . -15.15 -7.59 9.50
CAS 15W F . 8.76 -1.88 7.44
OAR 15W F . 9.49 -0.99 6.59
CAP 15W F . 8.74 -0.55 5.54
CAO 15W F . 7.57 -1.18 5.09
CAN 15W F . 6.86 -0.66 3.99
CAL 15W F . 9.17 0.58 4.86
CAM 15W F . 8.48 1.09 3.77
CAK 15W F . 7.31 0.48 3.32
CAI 15W F . 6.63 1.05 2.23
OAJ 15W F . 7.04 2.29 1.86
CAF 15W F . 6.47 2.94 0.81
CAA 15W F . 6.93 4.20 0.47
CAB 15W F . 6.35 4.90 -0.60
OAT 15W F . 6.79 6.14 -0.92
CAC 15W F . 5.32 4.30 -1.34
CAD 15W F . 4.86 3.04 -0.98
CAE 15W F . 5.42 2.34 0.09
CAG 15W F . 4.97 1.05 0.45
OAQ 15W F . 4.04 0.46 -0.13
CAH 15W F . 5.57 0.43 1.54
S SO4 G . 4.37 -7.10 -21.85
O1 SO4 G . 4.60 -7.62 -20.48
O2 SO4 G . 3.15 -6.24 -21.84
O3 SO4 G . 5.52 -6.29 -22.35
O4 SO4 G . 4.20 -8.26 -22.75
#